data_6U9U
#
_entry.id   6U9U
#
_cell.length_a   147.709
_cell.length_b   147.709
_cell.length_c   63.200
_cell.angle_alpha   90.000
_cell.angle_beta   90.000
_cell.angle_gamma   90.000
#
_symmetry.space_group_name_H-M   'P 41 21 2'
#
loop_
_entity.id
_entity.type
_entity.pdbx_description
1 polymer 'GM9_TH8seq732127 FAB heavy chain'
2 polymer 'GM9_TH8seq732127 FAB light chain'
3 non-polymer 'SODIUM ION'
4 non-polymer 'FORMIC ACID'
5 non-polymer 1,2-ETHANEDIOL
6 water water
#
loop_
_entity_poly.entity_id
_entity_poly.type
_entity_poly.pdbx_seq_one_letter_code
_entity_poly.pdbx_strand_id
1 'polypeptide(L)'
;QVQLQESGPGLVKASETLSLTCAVSGASINTDYWNWIRQTPGKGLEWIGRFYVPTERTEYNPSFMNRVTISGDTSKNHFS
LRLTSATAADTAVYFCARGLWRGYFFWVDVWGPGVLVTVSSASTKGPSVFPLAPSSKSTSGGTAALGCLVKDYFPEPVTV
SWNSGALTSGVHTFPAVLQSSGLYSLSSVVTVPSSSLGTQTYICNVNHKPSNTKVDKRVEPKSC
;
H
2 'polypeptide(L)'
;DIQMTQSPSSLSASVGDTVTVTCRASQGIDKELSWYQQKPGQAPTLLIYAASTLQTGVSSRFSGSGSGTDYTLTLTGLQP
EDVATYFCLQDYSTPYTFGQGTKVEIKRTVAAPSVFIFPPSDEQLKSGTASVVCLLNNFYPREAKVQWKVDNALQSGNSQ
ESVTEQDSKDSTYSLSSTLTLSKADYEKHKVYACEVTHQGLSSPVTKSFNRGEC
;
L
#
# COMPACT_ATOMS: atom_id res chain seq x y z
N GLN A 1 0.39 -15.93 -19.71
CA GLN A 1 0.19 -14.65 -18.98
C GLN A 1 -1.23 -14.53 -18.47
N VAL A 2 -1.58 -15.34 -17.47
CA VAL A 2 -2.88 -15.20 -16.82
C VAL A 2 -2.87 -13.95 -15.95
N GLN A 3 -3.80 -13.04 -16.22
CA GLN A 3 -3.84 -11.75 -15.54
C GLN A 3 -5.27 -11.41 -15.17
N LEU A 4 -5.43 -10.70 -14.06
CA LEU A 4 -6.72 -10.26 -13.57
C LEU A 4 -6.63 -8.77 -13.24
N GLN A 5 -7.71 -8.04 -13.49
CA GLN A 5 -7.74 -6.60 -13.25
C GLN A 5 -9.13 -6.19 -12.79
N GLU A 6 -9.20 -5.62 -11.60
CA GLU A 6 -10.45 -5.13 -11.07
C GLU A 6 -10.81 -3.77 -11.67
N SER A 7 -12.08 -3.41 -11.57
CA SER A 7 -12.55 -2.09 -11.97
C SER A 7 -11.76 -1.02 -11.25
N GLY A 8 -11.79 0.22 -11.73
CA GLY A 8 -11.07 1.32 -11.12
C GLY A 8 -11.70 1.73 -9.80
N PRO A 9 -10.88 2.21 -8.86
CA PRO A 9 -11.41 2.60 -7.56
C PRO A 9 -12.40 3.75 -7.69
N GLY A 10 -13.17 3.96 -6.62
CA GLY A 10 -14.17 5.01 -6.62
C GLY A 10 -14.84 5.14 -5.27
N LEU A 11 -15.82 6.01 -5.23
CA LEU A 11 -16.61 6.29 -4.04
C LEU A 11 -17.98 5.65 -4.19
N VAL A 12 -18.48 5.08 -3.10
CA VAL A 12 -19.83 4.51 -3.04
C VAL A 12 -20.57 5.23 -1.92
N LYS A 13 -21.67 5.89 -2.27
CA LYS A 13 -22.46 6.59 -1.27
C LYS A 13 -23.06 5.60 -0.27
N ALA A 14 -23.20 6.05 0.97
CA ALA A 14 -23.77 5.20 2.02
C ALA A 14 -25.14 4.69 1.60
N SER A 15 -25.35 3.39 1.78
CA SER A 15 -26.63 2.73 1.56
C SER A 15 -26.83 2.33 0.10
N GLU A 16 -26.08 2.94 -0.81
CA GLU A 16 -26.13 2.54 -2.21
C GLU A 16 -25.30 1.27 -2.39
N THR A 17 -25.23 0.79 -3.63
CA THR A 17 -24.67 -0.52 -3.92
C THR A 17 -23.25 -0.41 -4.47
N LEU A 18 -22.36 -1.26 -3.99
CA LEU A 18 -20.98 -1.33 -4.44
C LEU A 18 -20.89 -2.32 -5.59
N SER A 19 -20.35 -1.88 -6.72
CA SER A 19 -20.27 -2.72 -7.91
C SER A 19 -18.85 -2.70 -8.45
N LEU A 20 -18.32 -3.89 -8.72
CA LEU A 20 -16.97 -4.03 -9.24
C LEU A 20 -16.98 -5.09 -10.34
N THR A 21 -15.99 -5.01 -11.23
CA THR A 21 -15.80 -5.98 -12.29
C THR A 21 -14.32 -6.36 -12.35
N CYS A 22 -14.08 -7.62 -12.71
CA CYS A 22 -12.74 -8.13 -12.92
C CYS A 22 -12.61 -8.60 -14.36
N ALA A 23 -11.64 -8.04 -15.08
CA ALA A 23 -11.38 -8.42 -16.46
C ALA A 23 -10.26 -9.44 -16.48
N VAL A 24 -10.55 -10.64 -16.96
CA VAL A 24 -9.62 -11.75 -16.94
C VAL A 24 -8.98 -11.89 -18.31
N SER A 25 -7.66 -12.00 -18.35
CA SER A 25 -6.92 -12.23 -19.59
C SER A 25 -5.97 -13.40 -19.41
N GLY A 26 -5.82 -14.21 -20.45
CA GLY A 26 -4.94 -15.35 -20.39
C GLY A 26 -5.59 -16.64 -19.94
N ALA A 27 -6.87 -16.60 -19.57
CA ALA A 27 -7.57 -17.79 -19.11
C ALA A 27 -9.05 -17.55 -19.31
N SER A 28 -9.80 -18.64 -19.49
CA SER A 28 -11.25 -18.56 -19.68
C SER A 28 -11.96 -18.77 -18.34
N ILE A 29 -12.95 -17.91 -18.05
CA ILE A 29 -13.71 -18.07 -16.81
C ILE A 29 -14.70 -19.22 -16.90
N ASN A 30 -14.68 -19.96 -17.99
CA ASN A 30 -15.46 -21.16 -18.20
C ASN A 30 -14.85 -22.39 -17.53
N THR A 31 -13.77 -22.21 -16.77
CA THR A 31 -13.14 -23.29 -16.02
C THR A 31 -12.60 -22.70 -14.73
N ASP A 32 -12.43 -23.58 -13.74
CA ASP A 32 -11.95 -23.16 -12.42
C ASP A 32 -12.97 -22.22 -11.77
N TYR A 33 -12.58 -21.63 -10.65
CA TYR A 33 -13.50 -20.82 -9.85
C TYR A 33 -12.98 -19.39 -9.70
N TRP A 34 -13.91 -18.50 -9.35
CA TRP A 34 -13.68 -17.06 -9.42
C TRP A 34 -14.25 -16.42 -8.16
N ASN A 35 -13.37 -15.77 -7.41
CA ASN A 35 -13.68 -15.30 -6.07
C ASN A 35 -13.53 -13.79 -5.98
N TRP A 36 -14.19 -13.22 -4.97
CA TRP A 36 -13.98 -11.85 -4.56
C TRP A 36 -13.54 -11.87 -3.10
N ILE A 37 -12.47 -11.14 -2.80
CA ILE A 37 -11.88 -11.07 -1.47
C ILE A 37 -11.59 -9.59 -1.19
N ARG A 38 -11.82 -9.18 0.06
CA ARG A 38 -11.51 -7.83 0.47
C ARG A 38 -10.55 -7.84 1.65
N GLN A 39 -9.86 -6.71 1.83
CA GLN A 39 -8.81 -6.60 2.82
C GLN A 39 -8.88 -5.24 3.50
N THR A 40 -8.79 -5.26 4.82
CA THR A 40 -8.75 -4.11 5.69
C THR A 40 -7.62 -4.32 6.69
N PRO A 41 -6.98 -3.24 7.16
CA PRO A 41 -5.94 -3.42 8.20
C PRO A 41 -6.44 -4.19 9.41
N GLY A 42 -7.58 -3.78 9.98
CA GLY A 42 -8.02 -4.38 11.24
C GLY A 42 -8.73 -5.70 11.08
N LYS A 43 -9.40 -5.93 9.95
CA LYS A 43 -10.11 -7.17 9.71
C LYS A 43 -9.30 -8.17 8.90
N GLY A 44 -8.16 -7.77 8.35
CA GLY A 44 -7.39 -8.68 7.51
C GLY A 44 -8.10 -8.98 6.21
N LEU A 45 -7.88 -10.19 5.71
CA LEU A 45 -8.48 -10.64 4.47
C LEU A 45 -9.80 -11.34 4.75
N GLU A 46 -10.80 -11.04 3.92
CA GLU A 46 -12.14 -11.57 4.08
C GLU A 46 -12.59 -12.15 2.75
N TRP A 47 -12.86 -13.45 2.72
CA TRP A 47 -13.44 -14.09 1.55
C TRP A 47 -14.90 -13.75 1.46
N ILE A 48 -15.34 -13.27 0.29
CA ILE A 48 -16.70 -12.82 0.08
C ILE A 48 -17.56 -13.91 -0.56
N GLY A 49 -17.05 -14.55 -1.60
CA GLY A 49 -17.79 -15.60 -2.28
C GLY A 49 -17.03 -16.10 -3.48
N ARG A 50 -17.48 -17.25 -3.98
CA ARG A 50 -16.91 -17.87 -5.16
C ARG A 50 -18.01 -18.10 -6.19
N PHE A 51 -17.60 -18.28 -7.44
CA PHE A 51 -18.53 -18.35 -8.55
C PHE A 51 -18.01 -19.34 -9.57
N TYR A 52 -18.88 -20.25 -10.01
CA TYR A 52 -18.57 -21.23 -11.04
C TYR A 52 -19.49 -20.97 -12.22
N VAL A 53 -18.91 -20.62 -13.36
CA VAL A 53 -19.68 -20.11 -14.49
C VAL A 53 -20.48 -21.22 -15.16
N PRO A 54 -19.88 -22.34 -15.54
CA PRO A 54 -20.62 -23.34 -16.34
C PRO A 54 -21.99 -23.67 -15.78
N THR A 55 -22.09 -23.86 -14.46
CA THR A 55 -23.35 -24.17 -13.80
C THR A 55 -23.97 -22.95 -13.13
N GLU A 56 -23.29 -21.80 -13.17
CA GLU A 56 -23.75 -20.58 -12.50
C GLU A 56 -24.01 -20.82 -11.02
N ARG A 57 -23.23 -21.72 -10.39
CA ARG A 57 -23.39 -22.00 -8.97
C ARG A 57 -22.56 -21.00 -8.16
N THR A 58 -23.13 -20.57 -7.04
CA THR A 58 -22.57 -19.48 -6.26
C THR A 58 -22.59 -19.85 -4.78
N GLU A 59 -21.48 -19.58 -4.09
CA GLU A 59 -21.34 -19.85 -2.67
C GLU A 59 -20.80 -18.59 -2.01
N TYR A 60 -21.53 -18.06 -1.03
CA TYR A 60 -21.21 -16.78 -0.43
C TYR A 60 -20.86 -16.95 1.05
N ASN A 61 -20.05 -16.03 1.55
CA ASN A 61 -19.78 -15.95 2.97
C ASN A 61 -21.05 -15.53 3.69
N PRO A 62 -21.58 -16.31 4.62
CA PRO A 62 -22.83 -15.91 5.29
C PRO A 62 -22.75 -14.54 5.95
N SER A 63 -21.57 -14.11 6.38
CA SER A 63 -21.43 -12.85 7.09
C SER A 63 -21.96 -11.67 6.29
N PHE A 64 -22.02 -11.78 4.97
CA PHE A 64 -22.61 -10.76 4.12
C PHE A 64 -24.11 -10.96 3.93
N MET A 65 -24.74 -11.81 4.76
CA MET A 65 -26.16 -12.10 4.66
C MET A 65 -26.55 -12.28 3.20
N ASN A 66 -27.45 -11.43 2.70
CA ASN A 66 -27.86 -11.50 1.30
C ASN A 66 -27.68 -10.14 0.63
N ARG A 67 -26.59 -9.46 0.93
CA ARG A 67 -26.23 -8.22 0.27
C ARG A 67 -25.42 -8.44 -1.00
N VAL A 68 -24.92 -9.65 -1.22
CA VAL A 68 -23.90 -9.89 -2.24
C VAL A 68 -24.45 -10.81 -3.32
N THR A 69 -24.01 -10.57 -4.55
CA THR A 69 -24.26 -11.47 -5.66
C THR A 69 -23.05 -11.38 -6.60
N ILE A 70 -22.70 -12.51 -7.20
CA ILE A 70 -21.58 -12.59 -8.13
C ILE A 70 -22.07 -13.22 -9.42
N SER A 71 -21.85 -12.54 -10.54
CA SER A 71 -22.28 -12.99 -11.85
C SER A 71 -21.11 -12.93 -12.82
N GLY A 72 -21.33 -13.46 -14.02
CA GLY A 72 -20.29 -13.51 -15.04
C GLY A 72 -20.80 -13.11 -16.41
N ASP A 73 -19.86 -13.09 -17.36
CA ASP A 73 -20.15 -12.78 -18.76
C ASP A 73 -19.12 -13.58 -19.57
N THR A 74 -19.54 -14.73 -20.09
CA THR A 74 -18.58 -15.70 -20.62
C THR A 74 -17.96 -15.27 -21.94
N SER A 75 -18.61 -14.41 -22.71
CA SER A 75 -18.05 -13.96 -23.99
C SER A 75 -17.13 -12.77 -23.82
N LYS A 76 -17.29 -12.01 -22.74
CA LYS A 76 -16.42 -10.89 -22.40
C LYS A 76 -15.31 -11.27 -21.43
N ASN A 77 -15.34 -12.48 -20.88
CA ASN A 77 -14.35 -12.92 -19.90
C ASN A 77 -14.28 -11.95 -18.72
N HIS A 78 -15.46 -11.56 -18.23
CA HIS A 78 -15.58 -10.72 -17.05
C HIS A 78 -16.46 -11.43 -16.03
N PHE A 79 -16.19 -11.17 -14.75
CA PHE A 79 -17.13 -11.51 -13.68
C PHE A 79 -17.16 -10.32 -12.72
N SER A 80 -18.28 -10.20 -12.02
CA SER A 80 -18.60 -8.97 -11.31
C SER A 80 -19.00 -9.28 -9.88
N LEU A 81 -19.00 -8.23 -9.06
CA LEU A 81 -19.47 -8.28 -7.69
C LEU A 81 -20.40 -7.10 -7.46
N ARG A 82 -21.47 -7.36 -6.75
CA ARG A 82 -22.36 -6.32 -6.30
C ARG A 82 -22.69 -6.54 -4.83
N LEU A 83 -22.63 -5.45 -4.07
CA LEU A 83 -22.87 -5.50 -2.62
C LEU A 83 -23.81 -4.35 -2.28
N THR A 84 -25.08 -4.66 -2.01
CA THR A 84 -26.09 -3.64 -1.80
C THR A 84 -26.00 -3.10 -0.37
N SER A 85 -26.63 -1.95 -0.17
CA SER A 85 -26.69 -1.30 1.14
C SER A 85 -25.27 -1.09 1.69
N ALA A 86 -24.43 -0.48 0.86
CA ALA A 86 -23.04 -0.26 1.25
C ALA A 86 -22.98 0.57 2.52
N THR A 87 -21.96 0.28 3.35
CA THR A 87 -21.77 0.98 4.61
C THR A 87 -20.28 1.22 4.84
N ALA A 88 -19.98 2.17 5.72
CA ALA A 88 -18.58 2.50 6.00
C ALA A 88 -17.74 1.27 6.31
N ALA A 89 -18.37 0.21 6.83
CA ALA A 89 -17.67 -1.03 7.12
C ALA A 89 -17.28 -1.79 5.85
N ASP A 90 -17.74 -1.35 4.69
CA ASP A 90 -17.38 -1.98 3.42
C ASP A 90 -16.21 -1.29 2.73
N THR A 91 -15.70 -0.20 3.29
CA THR A 91 -14.47 0.40 2.78
C THR A 91 -13.33 -0.59 2.93
N ALA A 92 -12.66 -0.89 1.81
CA ALA A 92 -11.65 -1.95 1.81
C ALA A 92 -11.04 -2.03 0.42
N VAL A 93 -9.92 -2.75 0.34
CA VAL A 93 -9.32 -3.13 -0.93
C VAL A 93 -9.98 -4.44 -1.36
N TYR A 94 -10.60 -4.42 -2.54
CA TYR A 94 -11.28 -5.59 -3.07
C TYR A 94 -10.39 -6.26 -4.11
N PHE A 95 -10.20 -7.57 -3.96
CA PHE A 95 -9.41 -8.37 -4.89
C PHE A 95 -10.32 -9.32 -5.66
N CYS A 96 -10.08 -9.46 -6.96
CA CYS A 96 -10.61 -10.58 -7.73
C CYS A 96 -9.50 -11.62 -7.85
N ALA A 97 -9.87 -12.90 -7.81
CA ALA A 97 -8.86 -13.93 -7.72
C ALA A 97 -9.44 -15.24 -8.23
N ARG A 98 -8.61 -16.00 -8.95
CA ARG A 98 -9.00 -17.31 -9.42
C ARG A 98 -8.71 -18.35 -8.35
N GLY A 99 -9.64 -19.29 -8.20
CA GLY A 99 -9.45 -20.37 -7.26
C GLY A 99 -9.45 -21.71 -7.97
N LEU A 100 -8.40 -22.51 -7.78
CA LEU A 100 -8.33 -23.85 -8.35
C LEU A 100 -8.77 -24.88 -7.31
N TRP A 101 -9.43 -25.93 -7.80
CA TRP A 101 -10.05 -26.94 -6.93
C TRP A 101 -9.66 -28.31 -7.47
N ARG A 102 -8.65 -28.92 -6.86
CA ARG A 102 -8.15 -30.23 -7.24
C ARG A 102 -8.41 -31.18 -6.08
N GLY A 103 -9.31 -32.13 -6.27
CA GLY A 103 -9.66 -33.03 -5.18
C GLY A 103 -10.28 -32.25 -4.04
N TYR A 104 -9.81 -32.53 -2.83
CA TYR A 104 -10.35 -31.87 -1.64
C TYR A 104 -9.74 -30.49 -1.41
N PHE A 105 -8.75 -30.09 -2.18
CA PHE A 105 -7.98 -28.89 -1.89
C PHE A 105 -8.37 -27.74 -2.82
N PHE A 106 -8.40 -26.54 -2.25
CA PHE A 106 -8.81 -25.32 -2.95
C PHE A 106 -7.85 -24.22 -2.54
N TRP A 107 -7.37 -23.46 -3.52
CA TRP A 107 -6.44 -22.38 -3.24
C TRP A 107 -6.56 -21.32 -4.32
N VAL A 108 -5.97 -20.16 -4.05
CA VAL A 108 -6.12 -18.98 -4.89
C VAL A 108 -4.78 -18.75 -5.58
N ASP A 109 -4.67 -19.18 -6.83
CA ASP A 109 -3.38 -19.17 -7.51
C ASP A 109 -3.06 -17.85 -8.19
N VAL A 110 -4.07 -17.07 -8.56
CA VAL A 110 -3.86 -15.79 -9.23
C VAL A 110 -4.77 -14.75 -8.61
N TRP A 111 -4.19 -13.66 -8.15
CA TRP A 111 -4.93 -12.55 -7.57
C TRP A 111 -4.80 -11.33 -8.48
N GLY A 112 -5.84 -10.50 -8.46
CA GLY A 112 -5.74 -9.19 -9.08
C GLY A 112 -4.96 -8.23 -8.21
N PRO A 113 -4.62 -7.08 -8.81
CA PRO A 113 -3.85 -6.07 -8.04
C PRO A 113 -4.66 -5.43 -6.91
N GLY A 114 -5.97 -5.59 -6.91
CA GLY A 114 -6.81 -4.99 -5.89
C GLY A 114 -7.14 -3.55 -6.16
N VAL A 115 -8.35 -3.17 -5.75
CA VAL A 115 -8.86 -1.82 -5.96
C VAL A 115 -9.51 -1.33 -4.67
N LEU A 116 -9.18 -0.11 -4.28
CA LEU A 116 -9.75 0.48 -3.08
C LEU A 116 -11.12 1.06 -3.37
N VAL A 117 -12.10 0.70 -2.53
CA VAL A 117 -13.45 1.25 -2.60
C VAL A 117 -13.75 1.91 -1.26
N THR A 118 -14.17 3.17 -1.31
CA THR A 118 -14.44 3.96 -0.12
C THR A 118 -15.92 4.29 -0.03
N VAL A 119 -16.55 3.91 1.07
CA VAL A 119 -17.95 4.21 1.33
C VAL A 119 -18.00 5.50 2.15
N SER A 120 -18.71 6.49 1.64
CA SER A 120 -18.72 7.80 2.27
C SER A 120 -19.98 8.57 1.88
N SER A 121 -20.42 9.42 2.80
CA SER A 121 -21.53 10.32 2.55
C SER A 121 -21.08 11.65 1.95
N ALA A 122 -19.79 11.78 1.64
CA ALA A 122 -19.25 12.99 1.07
C ALA A 122 -18.99 12.82 -0.43
N SER A 123 -18.41 13.84 -1.05
CA SER A 123 -18.21 13.87 -2.49
C SER A 123 -16.72 13.78 -2.83
N THR A 124 -16.46 13.35 -4.06
CA THR A 124 -15.09 13.32 -4.57
C THR A 124 -14.53 14.73 -4.66
N LYS A 125 -13.21 14.81 -4.62
CA LYS A 125 -12.51 16.07 -4.85
C LYS A 125 -11.13 15.74 -5.39
N GLY A 126 -10.75 16.40 -6.48
CA GLY A 126 -9.48 16.17 -7.11
C GLY A 126 -8.34 16.78 -6.32
N PRO A 127 -7.13 16.31 -6.56
CA PRO A 127 -5.98 16.83 -5.81
C PRO A 127 -5.38 18.09 -6.40
N SER A 128 -4.84 18.92 -5.52
CA SER A 128 -3.97 20.03 -5.89
C SER A 128 -2.53 19.52 -5.85
N VAL A 129 -1.81 19.65 -6.96
CA VAL A 129 -0.45 19.14 -7.07
C VAL A 129 0.50 20.33 -7.08
N PHE A 130 1.38 20.39 -6.07
CA PHE A 130 2.38 21.44 -5.95
C PHE A 130 3.79 20.86 -6.03
N PRO A 131 4.75 21.61 -6.55
CA PRO A 131 6.10 21.08 -6.68
C PRO A 131 6.91 21.16 -5.39
N LEU A 132 7.80 20.18 -5.22
CA LEU A 132 8.79 20.18 -4.16
C LEU A 132 10.13 20.45 -4.84
N ALA A 133 10.49 21.73 -4.93
CA ALA A 133 11.61 22.13 -5.77
C ALA A 133 12.94 21.73 -5.13
N PRO A 134 13.90 21.24 -5.91
CA PRO A 134 15.18 20.81 -5.32
C PRO A 134 16.03 21.96 -4.77
N SER A 135 17.15 21.61 -4.16
CA SER A 135 18.05 22.58 -3.55
C SER A 135 17.37 23.33 -2.40
N GLY A 142 26.26 15.42 -4.51
CA GLY A 142 26.10 15.28 -5.94
C GLY A 142 24.72 14.79 -6.36
N THR A 143 23.86 14.54 -5.38
CA THR A 143 22.51 14.08 -5.62
C THR A 143 21.51 15.08 -5.06
N ALA A 144 20.45 15.35 -5.81
CA ALA A 144 19.40 16.27 -5.42
C ALA A 144 18.09 15.51 -5.25
N ALA A 145 17.17 16.11 -4.51
CA ALA A 145 15.86 15.52 -4.26
C ALA A 145 14.76 16.50 -4.67
N LEU A 146 13.73 15.97 -5.33
CA LEU A 146 12.59 16.76 -5.76
C LEU A 146 11.36 15.89 -5.67
N GLY A 147 10.19 16.53 -5.65
CA GLY A 147 8.97 15.76 -5.52
C GLY A 147 7.74 16.58 -5.82
N CYS A 148 6.60 15.94 -5.63
CA CYS A 148 5.29 16.56 -5.81
C CYS A 148 4.47 16.39 -4.54
N LEU A 149 3.72 17.43 -4.19
CA LEU A 149 2.84 17.40 -3.02
C LEU A 149 1.40 17.26 -3.51
N VAL A 150 0.86 16.05 -3.42
CA VAL A 150 -0.52 15.77 -3.82
C VAL A 150 -1.40 16.05 -2.61
N LYS A 151 -2.06 17.21 -2.61
CA LYS A 151 -2.73 17.70 -1.43
C LYS A 151 -4.23 17.88 -1.67
N ASP A 152 -5.00 17.64 -0.61
CA ASP A 152 -6.43 17.96 -0.58
C ASP A 152 -7.18 17.19 -1.69
N TYR A 153 -7.35 15.90 -1.44
CA TYR A 153 -8.15 15.08 -2.32
C TYR A 153 -8.94 14.05 -1.51
N PHE A 154 -10.06 13.60 -2.09
CA PHE A 154 -10.91 12.60 -1.44
C PHE A 154 -11.66 11.84 -2.52
N PRO A 155 -11.80 10.51 -2.41
CA PRO A 155 -11.17 9.63 -1.42
C PRO A 155 -9.79 9.16 -1.88
N GLU A 156 -9.15 8.28 -1.13
CA GLU A 156 -8.00 7.57 -1.64
C GLU A 156 -8.44 6.64 -2.77
N PRO A 157 -7.53 6.25 -3.67
CA PRO A 157 -6.10 6.60 -3.73
C PRO A 157 -5.71 7.48 -4.91
N VAL A 158 -4.44 7.91 -4.94
CA VAL A 158 -3.86 8.56 -6.11
C VAL A 158 -2.64 7.75 -6.54
N THR A 159 -2.53 7.52 -7.84
CA THR A 159 -1.33 6.93 -8.44
C THR A 159 -0.38 8.05 -8.84
N VAL A 160 0.91 7.84 -8.61
CA VAL A 160 1.93 8.82 -8.99
C VAL A 160 3.01 8.12 -9.79
N SER A 161 3.25 8.60 -11.00
CA SER A 161 4.41 8.21 -11.79
C SER A 161 5.31 9.43 -12.00
N TRP A 162 6.45 9.22 -12.66
CA TRP A 162 7.40 10.28 -12.93
C TRP A 162 7.84 10.17 -14.37
N ASN A 163 7.62 11.24 -15.14
CA ASN A 163 7.97 11.26 -16.56
C ASN A 163 7.31 10.10 -17.30
N SER A 164 6.05 9.83 -16.97
CA SER A 164 5.28 8.78 -17.62
C SER A 164 5.99 7.42 -17.51
N GLY A 165 6.50 7.13 -16.32
CA GLY A 165 7.08 5.84 -16.05
C GLY A 165 8.54 5.70 -16.43
N ALA A 166 9.12 6.69 -17.13
CA ALA A 166 10.52 6.59 -17.53
C ALA A 166 11.44 6.62 -16.31
N LEU A 167 11.08 7.39 -15.29
CA LEU A 167 11.89 7.51 -14.08
C LEU A 167 11.30 6.60 -13.01
N THR A 168 12.06 5.59 -12.61
CA THR A 168 11.62 4.59 -11.64
C THR A 168 12.52 4.53 -10.42
N SER A 169 13.83 4.34 -10.62
CA SER A 169 14.75 4.20 -9.50
C SER A 169 14.75 5.45 -8.64
N GLY A 170 14.72 5.25 -7.33
CA GLY A 170 14.79 6.35 -6.40
C GLY A 170 13.49 7.04 -6.09
N VAL A 171 12.38 6.51 -6.55
CA VAL A 171 11.07 7.12 -6.31
C VAL A 171 10.52 6.60 -4.98
N HIS A 172 9.98 7.52 -4.18
CA HIS A 172 9.29 7.16 -2.95
C HIS A 172 7.96 7.92 -2.92
N THR A 173 6.85 7.18 -3.02
CA THR A 173 5.51 7.74 -2.87
C THR A 173 5.02 7.37 -1.46
N PHE A 174 4.91 8.37 -0.59
CA PHE A 174 4.60 8.12 0.81
C PHE A 174 3.14 7.78 1.01
N PRO A 175 2.82 7.01 2.05
CA PRO A 175 1.41 6.79 2.40
C PRO A 175 0.70 8.11 2.64
N ALA A 176 -0.56 8.18 2.22
CA ALA A 176 -1.35 9.39 2.40
C ALA A 176 -1.63 9.64 3.87
N VAL A 177 -1.79 10.92 4.21
CA VAL A 177 -2.12 11.36 5.55
C VAL A 177 -3.52 11.96 5.54
N LEU A 178 -4.28 11.70 6.59
CA LEU A 178 -5.62 12.26 6.74
C LEU A 178 -5.51 13.59 7.47
N GLN A 179 -5.97 14.66 6.83
CA GLN A 179 -5.93 15.99 7.41
C GLN A 179 -7.17 16.25 8.27
N SER A 180 -7.09 17.29 9.11
CA SER A 180 -8.28 17.79 9.76
C SER A 180 -9.33 18.22 8.74
N SER A 181 -8.90 18.49 7.50
CA SER A 181 -9.82 18.84 6.43
C SER A 181 -10.85 17.74 6.20
N GLY A 182 -10.47 16.49 6.46
CA GLY A 182 -11.19 15.36 5.94
C GLY A 182 -10.69 14.92 4.59
N LEU A 183 -9.70 15.61 4.03
CA LEU A 183 -9.10 15.28 2.75
C LEU A 183 -7.70 14.71 2.96
N TYR A 184 -7.26 13.90 2.01
CA TYR A 184 -5.98 13.22 2.11
C TYR A 184 -4.89 14.02 1.41
N SER A 185 -3.65 13.80 1.84
CA SER A 185 -2.50 14.47 1.25
C SER A 185 -1.30 13.55 1.38
N LEU A 186 -0.50 13.50 0.31
CA LEU A 186 0.74 12.77 0.34
C LEU A 186 1.77 13.52 -0.50
N SER A 187 3.01 13.04 -0.44
CA SER A 187 4.08 13.54 -1.29
C SER A 187 4.75 12.37 -1.99
N SER A 188 5.29 12.64 -3.18
CA SER A 188 6.10 11.68 -3.93
C SER A 188 7.41 12.36 -4.26
N VAL A 189 8.52 11.72 -3.90
CA VAL A 189 9.84 12.30 -4.07
C VAL A 189 10.71 11.35 -4.88
N VAL A 190 11.76 11.92 -5.48
CA VAL A 190 12.74 11.15 -6.24
C VAL A 190 14.08 11.87 -6.12
N THR A 191 15.14 11.08 -5.97
CA THR A 191 16.50 11.62 -5.89
C THR A 191 17.19 11.38 -7.23
N VAL A 192 17.76 12.45 -7.78
CA VAL A 192 18.43 12.38 -9.09
C VAL A 192 19.82 12.99 -8.94
N PRO A 193 20.71 12.70 -9.88
CA PRO A 193 21.99 13.42 -9.92
C PRO A 193 21.74 14.93 -10.02
N SER A 194 22.46 15.69 -9.19
CA SER A 194 22.40 17.15 -9.30
C SER A 194 22.89 17.62 -10.66
N SER A 195 23.58 16.77 -11.41
CA SER A 195 24.07 17.14 -12.73
C SER A 195 22.93 17.43 -13.70
N SER A 196 21.78 16.80 -13.50
CA SER A 196 20.73 16.74 -14.52
C SER A 196 19.59 17.71 -14.26
N LEU A 197 19.72 18.59 -13.27
CA LEU A 197 18.58 19.42 -12.87
C LEU A 197 18.25 20.45 -13.94
N GLY A 198 19.27 21.10 -14.50
CA GLY A 198 19.03 22.09 -15.53
C GLY A 198 18.76 21.52 -16.90
N THR A 199 19.23 20.31 -17.17
CA THR A 199 19.07 19.70 -18.49
C THR A 199 17.82 18.83 -18.59
N GLN A 200 17.61 17.95 -17.62
CA GLN A 200 16.50 17.01 -17.67
C GLN A 200 15.25 17.60 -17.04
N THR A 201 14.10 17.27 -17.62
CA THR A 201 12.82 17.74 -17.12
C THR A 201 12.16 16.64 -16.28
N TYR A 202 11.46 17.07 -15.23
CA TYR A 202 10.84 16.15 -14.28
C TYR A 202 9.39 16.54 -14.10
N ILE A 203 8.49 15.63 -14.47
CA ILE A 203 7.06 15.84 -14.33
C ILE A 203 6.50 14.64 -13.59
N CYS A 204 5.70 14.90 -12.55
CA CYS A 204 5.02 13.84 -11.81
C CYS A 204 3.62 13.69 -12.40
N ASN A 205 3.27 12.47 -12.77
CA ASN A 205 1.96 12.15 -13.33
C ASN A 205 1.09 11.60 -12.22
N VAL A 206 0.14 12.41 -11.76
CA VAL A 206 -0.77 12.03 -10.68
C VAL A 206 -2.09 11.61 -11.29
N ASN A 207 -2.61 10.47 -10.86
CA ASN A 207 -3.89 9.95 -11.35
C ASN A 207 -4.80 9.70 -10.16
N HIS A 208 -5.92 10.42 -10.12
CA HIS A 208 -6.94 10.26 -9.08
C HIS A 208 -8.15 9.60 -9.73
N LYS A 209 -8.11 8.27 -9.84
CA LYS A 209 -9.18 7.56 -10.52
C LYS A 209 -10.54 7.76 -9.86
N PRO A 210 -10.66 7.86 -8.52
CA PRO A 210 -11.97 8.12 -7.93
C PRO A 210 -12.66 9.34 -8.51
N SER A 211 -11.89 10.35 -8.93
CA SER A 211 -12.42 11.57 -9.50
C SER A 211 -12.25 11.66 -11.00
N ASN A 212 -11.70 10.63 -11.63
CA ASN A 212 -11.32 10.67 -13.05
C ASN A 212 -10.58 11.97 -13.35
N THR A 213 -9.62 12.30 -12.49
CA THR A 213 -8.82 13.51 -12.62
C THR A 213 -7.35 13.12 -12.71
N LYS A 214 -6.71 13.49 -13.82
CA LYS A 214 -5.28 13.35 -13.98
C LYS A 214 -4.66 14.74 -13.89
N VAL A 215 -3.59 14.86 -13.12
CA VAL A 215 -2.86 16.12 -12.98
C VAL A 215 -1.39 15.86 -13.26
N ASP A 216 -0.81 16.67 -14.14
CA ASP A 216 0.61 16.57 -14.48
C ASP A 216 1.28 17.90 -14.14
N LYS A 217 2.39 17.81 -13.40
CA LYS A 217 3.05 18.98 -12.86
C LYS A 217 4.56 18.82 -13.02
N ARG A 218 5.19 19.83 -13.61
CA ARG A 218 6.64 19.85 -13.73
C ARG A 218 7.27 20.47 -12.49
N VAL A 219 8.44 19.97 -12.12
CA VAL A 219 9.14 20.41 -10.92
C VAL A 219 10.51 20.93 -11.35
N GLU A 220 10.73 22.22 -11.12
CA GLU A 220 11.98 22.88 -11.46
C GLU A 220 12.45 23.69 -10.26
N PRO A 221 13.74 23.98 -10.17
CA PRO A 221 14.24 24.80 -9.05
C PRO A 221 13.72 26.22 -9.15
N LYS A 222 13.19 26.73 -8.05
CA LYS A 222 12.67 28.09 -8.04
C LYS A 222 13.81 29.04 -8.34
N SER A 223 13.50 30.17 -9.00
CA SER A 223 14.52 31.13 -9.37
C SER A 223 14.20 32.54 -8.86
N CYS A 224 15.23 33.35 -8.99
CA CYS A 224 15.22 34.70 -8.55
C CYS A 224 14.03 35.58 -8.96
N ASP B 1 -17.99 -22.38 11.91
CA ASP B 1 -16.87 -21.67 11.20
C ASP B 1 -15.53 -22.17 11.70
N ILE B 2 -14.49 -21.98 10.90
CA ILE B 2 -13.12 -22.27 11.29
C ILE B 2 -12.42 -20.96 11.61
N GLN B 3 -11.77 -20.90 12.77
CA GLN B 3 -11.00 -19.74 13.17
C GLN B 3 -9.51 -20.05 13.00
N MET B 4 -8.80 -19.18 12.29
CA MET B 4 -7.37 -19.34 12.09
C MET B 4 -6.64 -18.35 12.97
N THR B 5 -5.79 -18.85 13.86
CA THR B 5 -4.97 -18.02 14.73
C THR B 5 -3.54 -18.09 14.24
N GLN B 6 -3.01 -16.96 13.78
CA GLN B 6 -1.67 -16.89 13.22
C GLN B 6 -0.74 -16.14 14.15
N SER B 7 0.49 -16.62 14.28
CA SER B 7 1.49 -16.00 15.14
C SER B 7 2.85 -16.24 14.53
N PRO B 8 3.81 -15.32 14.74
CA PRO B 8 3.63 -14.04 15.43
C PRO B 8 2.91 -13.02 14.54
N SER B 9 2.38 -11.95 15.12
CA SER B 9 1.80 -10.88 14.31
C SER B 9 2.87 -10.16 13.52
N SER B 10 4.10 -10.10 14.04
CA SER B 10 5.20 -9.47 13.33
C SER B 10 6.50 -10.06 13.85
N LEU B 11 7.53 -10.05 13.01
CA LEU B 11 8.84 -10.50 13.43
C LEU B 11 9.92 -9.72 12.69
N SER B 12 11.11 -9.71 13.26
CA SER B 12 12.29 -9.09 12.68
C SER B 12 13.41 -10.12 12.63
N ALA B 13 14.08 -10.20 11.48
CA ALA B 13 15.14 -11.19 11.30
C ALA B 13 16.23 -10.62 10.40
N SER B 14 17.40 -11.24 10.47
CA SER B 14 18.55 -10.82 9.68
C SER B 14 18.64 -11.61 8.38
N VAL B 15 19.39 -11.06 7.43
CA VAL B 15 19.57 -11.73 6.14
C VAL B 15 20.19 -13.09 6.37
N GLY B 16 19.63 -14.10 5.70
CA GLY B 16 20.12 -15.46 5.82
C GLY B 16 19.55 -16.25 6.98
N ASP B 17 18.75 -15.64 7.83
CA ASP B 17 18.13 -16.35 8.93
C ASP B 17 16.99 -17.23 8.43
N THR B 18 16.50 -18.09 9.32
CA THR B 18 15.35 -18.94 9.07
C THR B 18 14.21 -18.45 9.95
N VAL B 19 13.06 -18.16 9.32
CA VAL B 19 11.91 -17.63 10.03
C VAL B 19 10.76 -18.62 9.88
N THR B 20 9.96 -18.77 10.94
CA THR B 20 8.83 -19.69 10.93
C THR B 20 7.57 -18.95 11.35
N VAL B 21 6.50 -19.12 10.57
CA VAL B 21 5.20 -18.56 10.87
C VAL B 21 4.25 -19.72 11.12
N THR B 22 3.37 -19.55 12.09
CA THR B 22 2.44 -20.61 12.49
C THR B 22 1.00 -20.13 12.39
N CYS B 23 0.14 -21.00 11.89
CA CYS B 23 -1.30 -20.80 11.91
C CYS B 23 -1.92 -22.00 12.62
N ARG B 24 -2.83 -21.72 13.54
CA ARG B 24 -3.51 -22.74 14.32
C ARG B 24 -5.01 -22.66 14.01
N ALA B 25 -5.55 -23.75 13.49
CA ALA B 25 -6.98 -23.81 13.17
C ALA B 25 -7.78 -24.24 14.39
N SER B 26 -9.02 -23.76 14.47
CA SER B 26 -9.89 -24.06 15.61
C SER B 26 -10.17 -25.54 15.74
N GLN B 27 -9.96 -26.33 14.69
CA GLN B 27 -10.12 -27.78 14.72
C GLN B 27 -9.32 -28.35 13.56
N GLY B 28 -9.24 -29.68 13.52
CA GLY B 28 -8.55 -30.34 12.44
C GLY B 28 -9.05 -29.90 11.07
N ILE B 29 -8.14 -29.62 10.15
CA ILE B 29 -8.53 -29.19 8.80
C ILE B 29 -7.83 -30.02 7.73
N ASP B 30 -7.30 -31.17 8.14
CA ASP B 30 -6.82 -32.21 7.23
C ASP B 30 -6.02 -31.65 6.06
N LYS B 31 -5.10 -30.75 6.39
CA LYS B 31 -4.10 -30.21 5.46
C LYS B 31 -4.70 -29.30 4.39
N GLU B 32 -5.98 -28.90 4.53
CA GLU B 32 -6.62 -28.03 3.55
C GLU B 32 -6.32 -26.58 3.93
N LEU B 33 -5.11 -26.15 3.59
CA LEU B 33 -4.61 -24.83 3.93
C LEU B 33 -3.60 -24.40 2.89
N SER B 34 -3.56 -23.10 2.62
CA SER B 34 -2.59 -22.54 1.69
C SER B 34 -1.98 -21.28 2.29
N TRP B 35 -0.78 -20.95 1.81
CA TRP B 35 -0.02 -19.81 2.29
C TRP B 35 0.21 -18.82 1.16
N TYR B 36 0.35 -17.55 1.54
CA TYR B 36 0.46 -16.46 0.56
C TYR B 36 1.44 -15.41 1.04
N GLN B 37 2.16 -14.83 0.10
CA GLN B 37 3.08 -13.73 0.34
C GLN B 37 2.47 -12.46 -0.24
N GLN B 38 2.51 -11.37 0.53
CA GLN B 38 1.99 -10.08 0.08
C GLN B 38 3.05 -9.00 0.33
N LYS B 39 3.80 -8.66 -0.71
CA LYS B 39 4.80 -7.61 -0.61
C LYS B 39 4.12 -6.24 -0.48
N PRO B 40 4.84 -5.25 0.05
CA PRO B 40 4.21 -3.95 0.33
C PRO B 40 3.64 -3.32 -0.94
N GLY B 41 2.41 -2.82 -0.82
CA GLY B 41 1.76 -2.16 -1.95
C GLY B 41 1.40 -3.08 -3.09
N GLN B 42 1.46 -4.38 -2.88
CA GLN B 42 1.15 -5.36 -3.92
C GLN B 42 0.08 -6.32 -3.42
N ALA B 43 -0.45 -7.12 -4.33
CA ALA B 43 -1.44 -8.13 -3.99
C ALA B 43 -0.75 -9.42 -3.57
N PRO B 44 -1.46 -10.29 -2.85
CA PRO B 44 -0.85 -11.55 -2.42
C PRO B 44 -0.56 -12.47 -3.60
N THR B 45 0.48 -13.30 -3.44
CA THR B 45 0.82 -14.31 -4.42
C THR B 45 0.91 -15.66 -3.73
N LEU B 46 0.55 -16.72 -4.46
CA LEU B 46 0.52 -18.05 -3.90
C LEU B 46 1.92 -18.55 -3.63
N LEU B 47 2.07 -19.28 -2.53
CA LEU B 47 3.33 -19.93 -2.18
C LEU B 47 3.15 -21.43 -2.05
N ILE B 48 2.22 -21.89 -1.21
CA ILE B 48 2.03 -23.30 -0.92
C ILE B 48 0.53 -23.57 -0.81
N TYR B 49 0.12 -24.76 -1.22
CA TYR B 49 -1.27 -25.18 -1.06
C TYR B 49 -1.27 -26.62 -0.52
N ALA B 50 -2.43 -27.04 -0.04
CA ALA B 50 -2.57 -28.37 0.56
C ALA B 50 -1.57 -28.55 1.69
N ALA B 51 -1.23 -27.44 2.34
CA ALA B 51 -0.41 -27.43 3.55
C ALA B 51 1.09 -27.54 3.27
N SER B 52 1.48 -28.36 2.31
CA SER B 52 2.90 -28.61 2.07
C SER B 52 3.30 -28.74 0.62
N THR B 53 2.38 -28.61 -0.33
CA THR B 53 2.71 -28.72 -1.75
C THR B 53 3.16 -27.36 -2.25
N LEU B 54 4.42 -27.26 -2.67
CA LEU B 54 4.97 -26.02 -3.18
C LEU B 54 4.46 -25.73 -4.59
N GLN B 55 4.00 -24.50 -4.80
CA GLN B 55 3.59 -24.08 -6.13
C GLN B 55 4.80 -24.07 -7.06
N THR B 56 4.63 -24.67 -8.24
CA THR B 56 5.69 -24.65 -9.24
C THR B 56 6.04 -23.21 -9.59
N GLY B 57 7.33 -22.89 -9.51
CA GLY B 57 7.83 -21.56 -9.79
C GLY B 57 8.21 -20.77 -8.55
N VAL B 58 7.79 -21.20 -7.38
CA VAL B 58 8.12 -20.53 -6.13
C VAL B 58 9.39 -21.15 -5.56
N SER B 59 10.23 -20.32 -4.96
CA SER B 59 11.53 -20.77 -4.49
C SER B 59 11.39 -21.90 -3.47
N SER B 60 12.35 -22.83 -3.50
CA SER B 60 12.39 -23.92 -2.54
C SER B 60 12.73 -23.44 -1.14
N ARG B 61 13.11 -22.17 -0.97
CA ARG B 61 13.36 -21.64 0.36
C ARG B 61 12.09 -21.61 1.20
N PHE B 62 10.92 -21.64 0.56
CA PHE B 62 9.66 -21.74 1.27
C PHE B 62 9.30 -23.21 1.48
N SER B 63 8.82 -23.52 2.69
CA SER B 63 8.43 -24.88 3.03
C SER B 63 7.22 -24.82 3.95
N GLY B 64 6.34 -25.80 3.80
CA GLY B 64 5.14 -25.87 4.60
C GLY B 64 4.92 -27.26 5.16
N SER B 65 4.50 -27.31 6.42
CA SER B 65 4.24 -28.56 7.11
C SER B 65 3.05 -28.36 8.03
N GLY B 66 2.44 -29.45 8.43
CA GLY B 66 1.36 -29.38 9.40
C GLY B 66 0.39 -30.52 9.27
N SER B 67 -0.34 -30.75 10.36
CA SER B 67 -1.34 -31.80 10.46
C SER B 67 -2.33 -31.38 11.53
N GLY B 68 -3.52 -31.94 11.46
CA GLY B 68 -4.55 -31.59 12.40
C GLY B 68 -4.84 -30.12 12.43
N THR B 69 -4.43 -29.43 13.49
CA THR B 69 -4.76 -28.02 13.68
C THR B 69 -3.59 -27.07 13.45
N ASP B 70 -2.34 -27.55 13.54
CA ASP B 70 -1.17 -26.69 13.55
C ASP B 70 -0.44 -26.79 12.22
N TYR B 71 -0.13 -25.63 11.63
CA TYR B 71 0.53 -25.57 10.33
C TYR B 71 1.61 -24.50 10.38
N THR B 72 2.69 -24.73 9.65
CA THR B 72 3.85 -23.87 9.69
C THR B 72 4.29 -23.51 8.27
N LEU B 73 4.71 -22.25 8.11
CA LEU B 73 5.42 -21.80 6.92
C LEU B 73 6.83 -21.44 7.36
N THR B 74 7.82 -22.10 6.78
CA THR B 74 9.22 -21.83 7.10
C THR B 74 9.92 -21.22 5.89
N LEU B 75 10.72 -20.19 6.15
CA LEU B 75 11.38 -19.41 5.11
C LEU B 75 12.87 -19.38 5.46
N THR B 76 13.66 -20.10 4.68
CA THR B 76 15.09 -20.20 4.90
C THR B 76 15.84 -19.24 3.99
N GLY B 77 17.07 -18.93 4.38
CA GLY B 77 17.89 -18.01 3.61
C GLY B 77 17.20 -16.69 3.36
N LEU B 78 16.77 -16.03 4.42
CA LEU B 78 16.02 -14.78 4.30
C LEU B 78 16.81 -13.75 3.52
N GLN B 79 16.18 -13.18 2.51
CA GLN B 79 16.77 -12.15 1.67
C GLN B 79 15.99 -10.85 1.83
N PRO B 80 16.58 -9.71 1.46
CA PRO B 80 15.83 -8.45 1.55
C PRO B 80 14.52 -8.48 0.79
N GLU B 81 14.46 -9.26 -0.31
CA GLU B 81 13.27 -9.31 -1.14
C GLU B 81 12.08 -9.93 -0.42
N ASP B 82 12.31 -10.67 0.67
CA ASP B 82 11.24 -11.41 1.35
C ASP B 82 10.43 -10.53 2.30
N VAL B 83 10.79 -9.26 2.45
CA VAL B 83 9.99 -8.37 3.29
C VAL B 83 8.57 -8.34 2.75
N ALA B 84 7.63 -8.79 3.57
CA ALA B 84 6.24 -8.92 3.16
C ALA B 84 5.39 -9.37 4.34
N THR B 85 4.08 -9.49 4.14
CA THR B 85 3.18 -10.08 5.12
C THR B 85 2.68 -11.41 4.57
N TYR B 86 2.74 -12.44 5.41
CA TYR B 86 2.42 -13.81 5.01
C TYR B 86 1.16 -14.26 5.72
N PHE B 87 0.23 -14.83 4.96
CA PHE B 87 -1.08 -15.21 5.46
C PHE B 87 -1.32 -16.69 5.25
N CYS B 88 -2.14 -17.28 6.12
CA CYS B 88 -2.68 -18.60 5.88
C CYS B 88 -4.13 -18.49 5.41
N LEU B 89 -4.59 -19.53 4.72
CA LEU B 89 -5.99 -19.62 4.30
C LEU B 89 -6.41 -21.09 4.41
N GLN B 90 -7.48 -21.35 5.15
CA GLN B 90 -8.04 -22.68 5.27
C GLN B 90 -9.16 -22.84 4.24
N ASP B 91 -9.09 -23.91 3.45
CA ASP B 91 -10.15 -24.27 2.53
C ASP B 91 -10.92 -25.49 2.99
N TYR B 92 -10.84 -25.81 4.29
CA TYR B 92 -11.52 -26.97 4.85
C TYR B 92 -13.04 -26.83 4.71
N SER B 93 -13.59 -25.73 5.22
CA SER B 93 -15.03 -25.53 5.20
C SER B 93 -15.33 -24.07 4.93
N THR B 94 -16.43 -23.82 4.20
CA THR B 94 -16.87 -22.45 3.95
C THR B 94 -17.60 -21.91 5.18
N PRO B 95 -17.52 -20.59 5.44
CA PRO B 95 -16.73 -19.62 4.67
C PRO B 95 -15.22 -19.78 4.88
N TYR B 96 -14.46 -19.70 3.79
CA TYR B 96 -13.01 -19.70 3.90
C TYR B 96 -12.56 -18.56 4.82
N THR B 97 -11.56 -18.85 5.65
CA THR B 97 -11.08 -17.87 6.61
C THR B 97 -9.56 -17.77 6.53
N PHE B 98 -9.06 -16.57 6.79
CA PHE B 98 -7.64 -16.25 6.68
C PHE B 98 -7.06 -16.04 8.08
N GLY B 99 -5.76 -16.32 8.21
CA GLY B 99 -5.02 -15.85 9.37
C GLY B 99 -4.81 -14.35 9.32
N GLN B 100 -4.49 -13.77 10.48
CA GLN B 100 -4.30 -12.31 10.56
C GLN B 100 -3.04 -11.83 9.85
N GLY B 101 -2.16 -12.74 9.46
CA GLY B 101 -0.95 -12.36 8.75
C GLY B 101 0.21 -12.12 9.71
N THR B 102 1.42 -12.40 9.20
CA THR B 102 2.66 -12.15 9.93
C THR B 102 3.50 -11.16 9.14
N LYS B 103 3.73 -9.98 9.71
CA LYS B 103 4.57 -8.97 9.06
C LYS B 103 6.03 -9.32 9.31
N VAL B 104 6.76 -9.59 8.24
CA VAL B 104 8.17 -9.98 8.34
C VAL B 104 9.02 -8.79 7.94
N GLU B 105 9.85 -8.32 8.87
CA GLU B 105 10.75 -7.21 8.65
C GLU B 105 12.20 -7.69 8.66
N ILE B 106 13.09 -6.87 8.12
CA ILE B 106 14.49 -7.23 7.93
C ILE B 106 15.36 -6.35 8.82
N LYS B 107 16.29 -6.98 9.53
CA LYS B 107 17.32 -6.27 10.27
C LYS B 107 18.57 -6.13 9.39
N ARG B 108 19.17 -4.94 9.40
CA ARG B 108 20.32 -4.66 8.57
C ARG B 108 21.25 -3.71 9.31
N THR B 109 22.35 -3.34 8.66
CA THR B 109 23.28 -2.40 9.26
C THR B 109 22.67 -1.00 9.31
N VAL B 110 23.10 -0.23 10.30
CA VAL B 110 22.58 1.12 10.46
C VAL B 110 22.91 1.95 9.22
N ALA B 111 21.95 2.73 8.76
CA ALA B 111 22.12 3.60 7.60
C ALA B 111 21.52 4.95 7.92
N ALA B 112 22.27 6.03 7.65
CA ALA B 112 21.86 7.37 8.02
C ALA B 112 20.93 7.97 6.95
N PRO B 113 20.00 8.83 7.36
CA PRO B 113 19.12 9.47 6.37
C PRO B 113 19.81 10.64 5.68
N SER B 114 19.52 10.77 4.38
CA SER B 114 19.82 11.99 3.64
C SER B 114 18.65 12.94 3.82
N VAL B 115 18.92 14.11 4.39
CA VAL B 115 17.87 15.04 4.81
C VAL B 115 17.74 16.14 3.77
N PHE B 116 16.51 16.49 3.43
CA PHE B 116 16.21 17.60 2.54
C PHE B 116 15.01 18.36 3.07
N ILE B 117 14.98 19.66 2.81
CA ILE B 117 13.85 20.52 3.18
C ILE B 117 13.33 21.21 1.93
N PHE B 118 12.02 21.35 1.84
CA PHE B 118 11.36 21.96 0.69
C PHE B 118 10.48 23.13 1.14
N PRO B 119 10.71 24.35 0.68
CA PRO B 119 9.80 25.45 1.03
C PRO B 119 8.50 25.35 0.27
N PRO B 120 7.49 26.12 0.68
CA PRO B 120 6.19 26.01 0.00
C PRO B 120 6.27 26.43 -1.47
N SER B 121 5.37 25.88 -2.26
CA SER B 121 5.21 26.33 -3.63
C SER B 121 4.69 27.77 -3.64
N ASP B 122 5.14 28.55 -4.63
CA ASP B 122 4.53 29.85 -4.84
C ASP B 122 3.08 29.68 -5.28
N GLU B 123 2.78 28.59 -6.01
CA GLU B 123 1.41 28.34 -6.44
C GLU B 123 0.47 28.17 -5.25
N GLN B 124 0.86 27.34 -4.28
CA GLN B 124 0.01 27.11 -3.12
C GLN B 124 -0.07 28.36 -2.25
N LEU B 125 1.03 29.10 -2.12
CA LEU B 125 1.02 30.30 -1.31
C LEU B 125 0.01 31.32 -1.83
N LYS B 126 -0.23 31.34 -3.15
CA LYS B 126 -1.27 32.19 -3.69
C LYS B 126 -2.64 31.78 -3.18
N SER B 127 -2.83 30.49 -2.87
CA SER B 127 -4.11 30.00 -2.39
C SER B 127 -4.33 30.26 -0.91
N GLY B 128 -3.28 30.64 -0.17
CA GLY B 128 -3.43 31.05 1.21
C GLY B 128 -2.95 30.07 2.25
N THR B 129 -2.28 29.00 1.85
CA THR B 129 -1.73 28.04 2.80
C THR B 129 -0.32 27.68 2.36
N ALA B 130 0.51 27.32 3.33
CA ALA B 130 1.92 27.03 3.09
C ALA B 130 2.29 25.69 3.68
N SER B 131 2.89 24.83 2.87
CA SER B 131 3.32 23.51 3.29
C SER B 131 4.83 23.40 3.15
N VAL B 132 5.52 23.13 4.25
CA VAL B 132 6.96 22.89 4.25
C VAL B 132 7.19 21.42 4.53
N VAL B 133 8.03 20.79 3.71
CA VAL B 133 8.24 19.35 3.75
C VAL B 133 9.70 19.08 4.11
N CYS B 134 9.91 18.09 4.97
CA CYS B 134 11.23 17.59 5.32
C CYS B 134 11.30 16.12 4.97
N LEU B 135 12.34 15.73 4.25
CA LEU B 135 12.48 14.36 3.76
C LEU B 135 13.69 13.69 4.39
N LEU B 136 13.47 12.53 5.00
CA LEU B 136 14.53 11.66 5.50
C LEU B 136 14.55 10.43 4.61
N ASN B 137 15.63 10.27 3.83
CA ASN B 137 15.67 9.28 2.76
C ASN B 137 16.58 8.10 3.12
N ASN B 138 16.06 6.89 2.88
CA ASN B 138 16.82 5.65 3.00
C ASN B 138 17.67 5.62 4.26
N PHE B 139 17.03 5.37 5.40
CA PHE B 139 17.71 5.24 6.68
C PHE B 139 17.25 3.95 7.35
N TYR B 140 18.02 3.54 8.35
CA TYR B 140 17.70 2.39 9.19
C TYR B 140 18.50 2.57 10.47
N PRO B 141 17.94 2.30 11.66
CA PRO B 141 16.60 1.74 11.90
C PRO B 141 15.45 2.71 11.68
N ARG B 142 14.22 2.21 11.84
CA ARG B 142 13.03 3.01 11.58
C ARG B 142 12.92 4.19 12.52
N GLU B 143 13.38 4.03 13.76
CA GLU B 143 13.25 5.09 14.76
C GLU B 143 13.95 6.35 14.30
N ALA B 144 13.29 7.49 14.47
CA ALA B 144 13.84 8.78 14.09
C ALA B 144 13.00 9.87 14.73
N LYS B 145 13.64 11.01 14.98
CA LYS B 145 12.98 12.19 15.53
C LYS B 145 13.15 13.35 14.56
N VAL B 146 12.05 14.04 14.29
CA VAL B 146 12.06 15.23 13.43
C VAL B 146 11.35 16.33 14.19
N GLN B 147 12.05 17.44 14.43
CA GLN B 147 11.50 18.58 15.16
C GLN B 147 11.63 19.83 14.30
N TRP B 148 10.51 20.55 14.17
CA TRP B 148 10.47 21.78 13.39
C TRP B 148 10.83 22.95 14.28
N LYS B 149 11.56 23.91 13.73
CA LYS B 149 11.92 25.14 14.44
C LYS B 149 11.79 26.30 13.48
N VAL B 150 10.90 27.23 13.80
CA VAL B 150 10.67 28.44 13.02
C VAL B 150 11.25 29.60 13.81
N ASP B 151 12.16 30.34 13.18
CA ASP B 151 12.97 31.32 13.89
C ASP B 151 13.73 30.65 15.04
N ASN B 152 14.12 29.40 14.83
CA ASN B 152 14.85 28.61 15.83
C ASN B 152 14.11 28.54 17.16
N ALA B 153 12.78 28.56 17.09
CA ALA B 153 11.90 28.28 18.22
C ALA B 153 11.14 27.01 17.92
N LEU B 154 11.18 26.04 18.83
CA LEU B 154 10.56 24.75 18.58
C LEU B 154 9.07 24.93 18.27
N GLN B 155 8.62 24.22 17.23
CA GLN B 155 7.24 24.25 16.79
C GLN B 155 6.64 22.86 16.92
N SER B 156 5.39 22.80 17.38
CA SER B 156 4.70 21.53 17.54
C SER B 156 3.21 21.73 17.37
N GLY B 157 2.55 20.71 16.82
CA GLY B 157 1.11 20.70 16.63
C GLY B 157 0.68 20.83 15.18
N ASN B 158 1.50 21.46 14.35
CA ASN B 158 1.13 21.77 12.97
C ASN B 158 1.82 20.86 11.96
N SER B 159 2.30 19.70 12.39
CA SER B 159 3.01 18.78 11.49
C SER B 159 2.44 17.38 11.61
N GLN B 160 2.52 16.64 10.51
CA GLN B 160 2.12 15.24 10.43
C GLN B 160 3.19 14.49 9.65
N GLU B 161 3.47 13.27 10.09
N GLU B 161 3.46 13.27 10.08
CA GLU B 161 4.54 12.48 9.50
CA GLU B 161 4.54 12.48 9.50
C GLU B 161 3.97 11.26 8.78
C GLU B 161 3.97 11.25 8.79
N SER B 162 4.71 10.79 7.78
CA SER B 162 4.34 9.60 7.03
C SER B 162 5.63 8.85 6.69
N VAL B 163 5.59 7.52 6.78
CA VAL B 163 6.79 6.70 6.59
C VAL B 163 6.48 5.59 5.61
N THR B 164 7.41 5.33 4.70
CA THR B 164 7.25 4.26 3.74
C THR B 164 7.42 2.89 4.40
N GLU B 165 7.01 1.86 3.69
CA GLU B 165 7.32 0.50 4.09
C GLU B 165 8.79 0.19 3.79
N GLN B 166 9.30 -0.85 4.44
CA GLN B 166 10.70 -1.21 4.27
C GLN B 166 11.01 -1.53 2.81
N ASP B 167 12.08 -0.91 2.31
CA ASP B 167 12.46 -1.09 0.91
C ASP B 167 12.87 -2.54 0.65
N SER B 168 12.42 -3.07 -0.49
CA SER B 168 12.73 -4.45 -0.84
C SER B 168 14.17 -4.64 -1.30
N LYS B 169 14.88 -3.57 -1.63
CA LYS B 169 16.26 -3.67 -2.14
C LYS B 169 17.28 -3.52 -1.01
N ASP B 170 17.29 -2.37 -0.34
CA ASP B 170 18.26 -2.10 0.71
C ASP B 170 17.67 -2.18 2.11
N SER B 171 16.39 -2.52 2.23
CA SER B 171 15.75 -2.73 3.53
C SER B 171 15.74 -1.44 4.36
N THR B 172 15.66 -0.29 3.70
CA THR B 172 15.69 0.99 4.38
C THR B 172 14.30 1.62 4.38
N TYR B 173 14.16 2.67 5.18
CA TYR B 173 12.93 3.43 5.27
C TYR B 173 13.15 4.85 4.78
N SER B 174 12.06 5.53 4.44
CA SER B 174 12.05 6.95 4.16
C SER B 174 10.89 7.58 4.91
N LEU B 175 11.06 8.84 5.29
CA LEU B 175 10.09 9.53 6.13
C LEU B 175 9.87 10.94 5.61
N SER B 176 8.62 11.40 5.71
CA SER B 176 8.22 12.75 5.35
C SER B 176 7.58 13.41 6.56
N SER B 177 7.94 14.66 6.81
CA SER B 177 7.33 15.48 7.84
C SER B 177 6.82 16.75 7.18
N THR B 178 5.52 17.00 7.29
CA THR B 178 4.88 18.12 6.59
C THR B 178 4.35 19.11 7.61
N LEU B 179 4.96 20.29 7.68
CA LEU B 179 4.46 21.40 8.49
C LEU B 179 3.59 22.28 7.61
N THR B 180 2.32 22.45 8.00
CA THR B 180 1.36 23.21 7.21
C THR B 180 0.90 24.43 8.02
N LEU B 181 0.98 25.60 7.40
CA LEU B 181 0.61 26.84 8.06
C LEU B 181 -0.26 27.67 7.13
N SER B 182 -0.99 28.62 7.73
CA SER B 182 -1.61 29.68 6.96
C SER B 182 -0.52 30.55 6.35
N LYS B 183 -0.83 31.21 5.23
CA LYS B 183 0.13 32.13 4.63
C LYS B 183 0.45 33.28 5.60
N ALA B 184 -0.55 33.73 6.35
CA ALA B 184 -0.35 34.82 7.29
C ALA B 184 0.70 34.47 8.33
N ASP B 185 0.54 33.31 8.98
CA ASP B 185 1.52 32.88 9.98
C ASP B 185 2.83 32.47 9.33
N TYR B 186 2.78 31.96 8.09
CA TYR B 186 4.01 31.64 7.38
C TYR B 186 4.86 32.89 7.19
N GLU B 187 4.22 34.02 6.86
CA GLU B 187 4.93 35.27 6.65
C GLU B 187 5.27 35.98 7.96
N LYS B 188 4.78 35.48 9.10
CA LYS B 188 5.13 36.06 10.38
C LYS B 188 6.57 35.76 10.79
N HIS B 189 7.23 34.81 10.14
CA HIS B 189 8.56 34.34 10.52
C HIS B 189 9.43 34.24 9.29
N LYS B 190 10.70 33.89 9.52
CA LYS B 190 11.73 33.98 8.49
C LYS B 190 12.52 32.70 8.31
N VAL B 191 12.95 32.06 9.38
CA VAL B 191 13.79 30.87 9.30
C VAL B 191 12.92 29.65 9.56
N TYR B 192 13.06 28.64 8.69
CA TYR B 192 12.32 27.39 8.80
C TYR B 192 13.33 26.27 8.71
N ALA B 193 13.42 25.45 9.76
CA ALA B 193 14.47 24.44 9.87
C ALA B 193 13.88 23.11 10.31
N CYS B 194 14.54 22.04 9.87
CA CYS B 194 14.16 20.67 10.18
C CYS B 194 15.35 20.01 10.87
N GLU B 195 15.24 19.81 12.18
CA GLU B 195 16.29 19.16 12.96
C GLU B 195 16.00 17.66 13.05
N VAL B 196 16.92 16.85 12.55
CA VAL B 196 16.72 15.40 12.48
C VAL B 196 17.74 14.72 13.38
N THR B 197 17.26 13.80 14.21
CA THR B 197 18.10 12.97 15.07
C THR B 197 17.92 11.52 14.68
N HIS B 198 19.03 10.80 14.51
CA HIS B 198 18.95 9.40 14.09
C HIS B 198 20.23 8.67 14.47
N GLN B 199 20.10 7.36 14.64
CA GLN B 199 21.24 6.51 14.99
C GLN B 199 22.46 6.84 14.16
N GLY B 200 22.32 6.80 12.84
CA GLY B 200 23.45 6.85 11.95
C GLY B 200 24.11 8.20 11.81
N LEU B 201 23.62 9.22 12.51
CA LEU B 201 24.19 10.56 12.43
C LEU B 201 25.03 10.87 13.68
N SER B 202 26.23 11.38 13.44
CA SER B 202 27.11 11.82 14.52
C SER B 202 26.44 12.83 15.44
N SER B 203 25.65 13.73 14.88
CA SER B 203 25.09 14.87 15.58
C SER B 203 23.78 15.16 14.85
N PRO B 204 22.84 15.83 15.51
CA PRO B 204 21.58 16.17 14.82
C PRO B 204 21.84 17.03 13.59
N VAL B 205 21.26 16.61 12.47
CA VAL B 205 21.38 17.34 11.21
C VAL B 205 20.23 18.33 11.10
N THR B 206 20.55 19.57 10.78
CA THR B 206 19.56 20.63 10.61
C THR B 206 19.66 21.16 9.18
N LYS B 207 18.53 21.15 8.48
CA LYS B 207 18.41 21.72 7.15
C LYS B 207 17.37 22.84 7.22
N SER B 208 17.73 24.02 6.70
CA SER B 208 16.85 25.17 6.81
C SER B 208 16.85 25.98 5.52
N PHE B 209 15.84 26.84 5.41
CA PHE B 209 15.76 27.87 4.39
C PHE B 209 15.24 29.12 5.07
N ASN B 210 15.51 30.27 4.48
CA ASN B 210 14.96 31.54 4.93
C ASN B 210 13.96 32.06 3.91
N ARG B 211 12.86 32.63 4.40
CA ARG B 211 11.76 33.06 3.55
C ARG B 211 12.13 34.40 2.91
N GLY B 212 12.63 34.35 1.69
CA GLY B 212 13.01 35.56 0.97
C GLY B 212 14.41 35.49 0.39
#